data_1INI
#
_entry.id   1INI
#
_cell.length_a   129.990
_cell.length_b   46.764
_cell.length_c   38.387
_cell.angle_alpha   90.00
_cell.angle_beta   92.64
_cell.angle_gamma   90.00
#
_symmetry.space_group_name_H-M   'C 1 2 1'
#
loop_
_entity.id
_entity.type
_entity.pdbx_description
1 polymer '4-DIPHOSPHOCYTIDYL-2-C-METHYLERYTHRITOL SYNTHETASE'
2 non-polymer 'MAGNESIUM ION'
3 non-polymer 4-DIPHOSPHOCYTIDYL-2-C-METHYL-D-ERYTHRITOL
4 water water
#
_entity_poly.entity_id   1
_entity_poly.type   'polypeptide(L)'
_entity_poly.pdbx_seq_one_letter_code
;MATTHLDVCAVVPAAGFGRRMQTECPKQYLSIGNQTILEHSVHALLAHPRVKRVVIAISPGDSRFAQLPLANHPQITVVD
GGDERADSVLAGLKAAGDAQWVLVHDAARPCLHQDDLARLLALSETSRTGGILAAPVRDTMKRAEPGKNAIAHTVDRNGL
WHALTPQFFPRELLHDCLTRALNEGATITDEASALEYCGFHPQLVEGRADNIKVTRPEDLALAEFYLTRTIHQENT
;
_entity_poly.pdbx_strand_id   A
#
loop_
_chem_comp.id
_chem_comp.type
_chem_comp.name
_chem_comp.formula
CDM non-polymer 4-DIPHOSPHOCYTIDYL-2-C-METHYL-D-ERYTHRITOL 'C14 H25 N3 O14 P2'
MG non-polymer 'MAGNESIUM ION' 'Mg 2'
#
# COMPACT_ATOMS: atom_id res chain seq x y z
N THR A 4 13.43 4.71 20.43
CA THR A 4 11.99 4.37 20.19
C THR A 4 11.42 5.28 19.09
N HIS A 5 12.01 6.45 18.92
CA HIS A 5 11.57 7.40 17.90
C HIS A 5 11.61 6.80 16.49
N LEU A 6 12.63 5.99 16.23
CA LEU A 6 12.77 5.39 14.90
C LEU A 6 11.90 4.17 14.64
N ASP A 7 11.25 3.63 15.67
CA ASP A 7 10.40 2.43 15.50
C ASP A 7 9.27 2.72 14.54
N VAL A 8 9.04 1.79 13.63
CA VAL A 8 7.99 1.92 12.64
C VAL A 8 7.06 0.73 12.67
N CYS A 9 5.76 0.99 12.56
CA CYS A 9 4.81 -0.12 12.52
C CYS A 9 4.29 -0.15 11.08
N ALA A 10 4.16 -1.32 10.50
CA ALA A 10 3.69 -1.40 9.11
C ALA A 10 2.27 -1.97 9.10
N VAL A 11 1.47 -1.49 8.15
CA VAL A 11 0.12 -1.97 7.98
C VAL A 11 0.03 -2.48 6.55
N VAL A 12 -0.45 -3.71 6.36
CA VAL A 12 -0.58 -4.27 5.02
C VAL A 12 -2.03 -4.66 4.72
N PRO A 13 -2.72 -3.86 3.88
CA PRO A 13 -4.10 -4.19 3.55
C PRO A 13 -4.07 -5.38 2.59
N ALA A 14 -4.65 -6.49 3.02
CA ALA A 14 -4.67 -7.72 2.23
C ALA A 14 -6.02 -8.42 2.35
N ALA A 15 -7.08 -7.63 2.46
CA ALA A 15 -8.42 -8.18 2.63
C ALA A 15 -9.22 -8.17 1.33
N GLY A 16 -8.57 -7.78 0.24
CA GLY A 16 -9.23 -7.75 -1.04
C GLY A 16 -9.54 -9.13 -1.58
N PHE A 17 -10.70 -9.27 -2.20
CA PHE A 17 -11.14 -10.55 -2.78
C PHE A 17 -10.56 -10.62 -4.19
N GLY A 18 -10.11 -9.47 -4.68
CA GLY A 18 -9.52 -9.38 -6.00
C GLY A 18 -10.33 -9.98 -7.13
N ARG A 19 -11.57 -9.54 -7.30
CA ARG A 19 -12.37 -10.07 -8.38
C ARG A 19 -12.10 -9.24 -9.64
N ARG A 20 -10.89 -9.45 -10.15
CA ARG A 20 -10.34 -8.83 -11.35
C ARG A 20 -9.19 -9.78 -11.65
N MET A 21 -9.16 -10.85 -10.87
CA MET A 21 -8.16 -11.91 -10.99
C MET A 21 -8.84 -13.13 -11.60
N GLN A 22 -10.17 -13.13 -11.58
CA GLN A 22 -10.98 -14.22 -12.12
C GLN A 22 -10.88 -15.48 -11.27
N THR A 23 -9.65 -15.92 -10.98
CA THR A 23 -9.44 -17.12 -10.18
C THR A 23 -10.05 -17.00 -8.78
N GLU A 24 -10.53 -18.12 -8.26
CA GLU A 24 -11.13 -18.17 -6.93
C GLU A 24 -10.03 -18.03 -5.87
N CYS A 25 -8.78 -17.91 -6.34
CA CYS A 25 -7.63 -17.75 -5.46
C CYS A 25 -7.14 -16.31 -5.48
N PRO A 26 -7.20 -15.64 -4.31
CA PRO A 26 -6.76 -14.24 -4.20
C PRO A 26 -5.38 -14.01 -4.78
N LYS A 27 -5.19 -12.86 -5.41
CA LYS A 27 -3.93 -12.49 -6.02
C LYS A 27 -2.76 -12.51 -5.03
N GLN A 28 -3.00 -12.04 -3.81
CA GLN A 28 -1.93 -12.03 -2.82
C GLN A 28 -1.45 -13.42 -2.41
N TYR A 29 -2.29 -14.42 -2.68
CA TYR A 29 -1.93 -15.79 -2.33
C TYR A 29 -1.34 -16.60 -3.48
N LEU A 30 -1.20 -15.97 -4.64
CA LEU A 30 -0.60 -16.63 -5.79
C LEU A 30 0.88 -16.73 -5.41
N SER A 31 1.60 -17.64 -6.06
CA SER A 31 3.00 -17.80 -5.73
C SER A 31 4.01 -17.45 -6.81
N ILE A 32 5.12 -16.86 -6.38
CA ILE A 32 6.21 -16.48 -7.24
C ILE A 32 7.45 -17.04 -6.53
N GLY A 33 8.11 -18.00 -7.18
CA GLY A 33 9.27 -18.61 -6.56
C GLY A 33 8.78 -19.48 -5.42
N ASN A 34 9.46 -19.46 -4.30
CA ASN A 34 9.06 -20.27 -3.16
C ASN A 34 8.26 -19.47 -2.14
N GLN A 35 7.44 -18.53 -2.61
CA GLN A 35 6.65 -17.69 -1.70
C GLN A 35 5.41 -17.06 -2.30
N THR A 36 4.46 -16.72 -1.44
CA THR A 36 3.25 -16.07 -1.91
C THR A 36 3.55 -14.59 -2.10
N ILE A 37 2.72 -13.92 -2.90
CA ILE A 37 2.87 -12.49 -3.16
C ILE A 37 2.86 -11.75 -1.82
N LEU A 38 1.94 -12.15 -0.94
CA LEU A 38 1.83 -11.54 0.40
C LEU A 38 3.15 -11.64 1.14
N GLU A 39 3.74 -12.84 1.16
CA GLU A 39 5.01 -13.02 1.86
C GLU A 39 6.13 -12.16 1.27
N HIS A 40 6.15 -12.02 -0.05
CA HIS A 40 7.15 -11.19 -0.73
C HIS A 40 7.01 -9.75 -0.23
N SER A 41 5.79 -9.23 -0.24
CA SER A 41 5.51 -7.86 0.21
C SER A 41 5.92 -7.64 1.67
N VAL A 42 5.50 -8.56 2.53
CA VAL A 42 5.83 -8.46 3.95
C VAL A 42 7.33 -8.58 4.23
N HIS A 43 8.01 -9.49 3.55
CA HIS A 43 9.45 -9.62 3.78
C HIS A 43 10.21 -8.37 3.35
N ALA A 44 9.69 -7.64 2.37
CA ALA A 44 10.36 -6.43 1.90
C ALA A 44 10.35 -5.39 3.03
N LEU A 45 9.24 -5.32 3.76
CA LEU A 45 9.14 -4.38 4.88
C LEU A 45 9.99 -4.86 6.06
N LEU A 46 9.93 -6.15 6.33
CA LEU A 46 10.67 -6.69 7.49
C LEU A 46 12.19 -6.61 7.28
N ALA A 47 12.61 -6.45 6.03
CA ALA A 47 14.03 -6.35 5.68
C ALA A 47 14.66 -5.08 6.25
N HIS A 48 13.86 -4.06 6.54
CA HIS A 48 14.41 -2.83 7.11
C HIS A 48 14.33 -2.89 8.64
N PRO A 49 15.45 -2.62 9.31
CA PRO A 49 15.60 -2.63 10.77
C PRO A 49 14.57 -1.83 11.55
N ARG A 50 14.14 -0.72 10.98
CA ARG A 50 13.18 0.12 11.67
C ARG A 50 11.78 -0.48 11.79
N VAL A 51 11.42 -1.37 10.88
CA VAL A 51 10.09 -1.96 10.89
C VAL A 51 10.04 -3.06 11.93
N LYS A 52 9.50 -2.71 13.08
CA LYS A 52 9.43 -3.62 14.21
C LYS A 52 8.22 -4.53 14.21
N ARG A 53 7.14 -4.07 13.60
CA ARG A 53 5.90 -4.82 13.60
C ARG A 53 5.17 -4.64 12.30
N VAL A 54 4.45 -5.66 11.89
CA VAL A 54 3.66 -5.58 10.67
C VAL A 54 2.24 -6.08 10.98
N VAL A 55 1.24 -5.24 10.76
CA VAL A 55 -0.14 -5.60 11.00
C VAL A 55 -0.73 -5.91 9.62
N ILE A 56 -1.23 -7.13 9.45
CA ILE A 56 -1.83 -7.54 8.18
C ILE A 56 -3.35 -7.65 8.34
N ALA A 57 -4.09 -6.95 7.49
CA ALA A 57 -5.56 -6.99 7.52
C ALA A 57 -6.01 -7.98 6.45
N ILE A 58 -6.81 -8.96 6.85
CA ILE A 58 -7.31 -9.98 5.94
C ILE A 58 -8.84 -10.05 5.99
N SER A 59 -9.41 -10.81 5.06
CA SER A 59 -10.86 -11.00 5.03
C SER A 59 -11.29 -11.97 6.13
N PRO A 60 -12.44 -11.74 6.75
CA PRO A 60 -12.94 -12.62 7.81
C PRO A 60 -13.04 -14.06 7.33
N GLY A 61 -13.30 -14.23 6.04
CA GLY A 61 -13.42 -15.56 5.47
C GLY A 61 -12.11 -16.09 4.94
N ASP A 62 -11.01 -15.39 5.23
CA ASP A 62 -9.68 -15.79 4.78
C ASP A 62 -9.18 -16.97 5.60
N SER A 63 -8.96 -18.10 4.93
CA SER A 63 -8.48 -19.27 5.61
C SER A 63 -7.10 -19.74 5.16
N ARG A 64 -6.51 -19.05 4.19
CA ARG A 64 -5.18 -19.46 3.75
C ARG A 64 -4.06 -18.77 4.52
N PHE A 65 -4.36 -17.64 5.15
CA PHE A 65 -3.33 -16.94 5.91
C PHE A 65 -2.75 -17.81 7.02
N ALA A 66 -3.63 -18.42 7.80
CA ALA A 66 -3.18 -19.25 8.92
C ALA A 66 -2.32 -20.43 8.47
N GLN A 67 -2.28 -20.72 7.18
CA GLN A 67 -1.46 -21.83 6.70
C GLN A 67 -0.09 -21.35 6.19
N LEU A 68 0.20 -20.07 6.38
CA LEU A 68 1.49 -19.53 5.94
C LEU A 68 2.43 -19.39 7.13
N PRO A 69 3.76 -19.42 6.88
CA PRO A 69 4.76 -19.28 7.94
C PRO A 69 4.65 -17.95 8.69
N LEU A 70 4.09 -16.95 8.01
CA LEU A 70 3.92 -15.62 8.58
C LEU A 70 2.95 -15.63 9.75
N ALA A 71 2.02 -16.58 9.71
CA ALA A 71 1.00 -16.71 10.75
C ALA A 71 1.58 -16.75 12.16
N ASN A 72 2.73 -17.39 12.32
CA ASN A 72 3.38 -17.52 13.63
C ASN A 72 4.58 -16.61 13.89
N HIS A 73 4.81 -15.66 13.00
CA HIS A 73 5.93 -14.72 13.09
C HIS A 73 5.76 -13.76 14.27
N PRO A 74 6.76 -13.65 15.15
CA PRO A 74 6.68 -12.76 16.31
C PRO A 74 6.47 -11.27 16.02
N GLN A 75 6.77 -10.83 14.81
CA GLN A 75 6.59 -9.41 14.48
C GLN A 75 5.28 -9.17 13.76
N ILE A 76 4.56 -10.25 13.47
CA ILE A 76 3.29 -10.11 12.74
C ILE A 76 2.01 -10.21 13.56
N THR A 77 1.11 -9.26 13.33
CA THR A 77 -0.20 -9.24 13.98
C THR A 77 -1.24 -9.30 12.86
N VAL A 78 -2.31 -10.06 13.07
CA VAL A 78 -3.37 -10.18 12.06
C VAL A 78 -4.70 -9.63 12.57
N VAL A 79 -5.39 -8.84 11.73
CA VAL A 79 -6.71 -8.29 12.07
C VAL A 79 -7.63 -8.43 10.86
N ASP A 80 -8.93 -8.24 11.04
CA ASP A 80 -9.82 -8.34 9.90
C ASP A 80 -9.92 -7.01 9.16
N GLY A 81 -9.96 -7.08 7.84
CA GLY A 81 -10.08 -5.87 7.04
C GLY A 81 -11.53 -5.46 6.88
N GLY A 82 -11.79 -4.47 6.01
CA GLY A 82 -13.15 -3.98 5.80
C GLY A 82 -13.65 -4.05 4.36
N ASP A 83 -14.75 -3.37 4.06
CA ASP A 83 -15.32 -3.41 2.71
C ASP A 83 -14.41 -2.87 1.62
N GLU A 84 -13.78 -1.73 1.88
CA GLU A 84 -12.88 -1.12 0.91
C GLU A 84 -11.46 -1.08 1.50
N ARG A 85 -10.50 -0.75 0.64
CA ARG A 85 -9.10 -0.69 1.09
C ARG A 85 -8.94 0.26 2.29
N ALA A 86 -9.50 1.45 2.18
CA ALA A 86 -9.40 2.43 3.25
C ALA A 86 -9.89 1.87 4.59
N ASP A 87 -10.90 1.00 4.57
CA ASP A 87 -11.43 0.40 5.79
C ASP A 87 -10.44 -0.61 6.36
N SER A 88 -9.86 -1.41 5.48
CA SER A 88 -8.89 -2.42 5.95
C SER A 88 -7.68 -1.70 6.55
N VAL A 89 -7.26 -0.61 5.91
CA VAL A 89 -6.11 0.15 6.39
C VAL A 89 -6.38 0.76 7.76
N LEU A 90 -7.61 1.25 7.95
CA LEU A 90 -8.01 1.84 9.22
C LEU A 90 -7.98 0.80 10.35
N ALA A 91 -8.45 -0.41 10.06
CA ALA A 91 -8.48 -1.47 11.06
C ALA A 91 -7.05 -1.86 11.43
N GLY A 92 -6.15 -1.82 10.44
CA GLY A 92 -4.76 -2.13 10.73
C GLY A 92 -4.12 -1.06 11.61
N LEU A 93 -4.48 0.20 11.34
CA LEU A 93 -3.95 1.33 12.11
C LEU A 93 -4.34 1.26 13.58
N LYS A 94 -5.54 0.75 13.85
CA LYS A 94 -6.01 0.67 15.23
C LYS A 94 -5.22 -0.32 16.07
N ALA A 95 -4.47 -1.20 15.42
CA ALA A 95 -3.67 -2.18 16.13
C ALA A 95 -2.17 -1.87 15.95
N ALA A 96 -1.86 -0.68 15.46
CA ALA A 96 -0.48 -0.26 15.22
C ALA A 96 0.37 -0.16 16.47
N GLY A 97 -0.24 0.27 17.57
CA GLY A 97 0.46 0.40 18.83
C GLY A 97 0.81 1.84 19.17
N ASP A 98 2.01 2.04 19.71
CA ASP A 98 2.46 3.36 20.08
C ASP A 98 3.46 3.90 19.07
N ALA A 99 3.72 3.14 18.02
CA ALA A 99 4.66 3.58 16.98
C ALA A 99 4.31 5.01 16.57
N GLN A 100 5.32 5.85 16.38
CA GLN A 100 5.10 7.24 16.00
C GLN A 100 4.80 7.39 14.52
N TRP A 101 5.40 6.52 13.73
CA TRP A 101 5.23 6.54 12.30
C TRP A 101 4.72 5.19 11.75
N VAL A 102 3.87 5.24 10.73
CA VAL A 102 3.34 4.00 10.17
C VAL A 102 3.62 3.93 8.69
N LEU A 103 3.87 2.71 8.22
CA LEU A 103 4.16 2.44 6.83
C LEU A 103 2.98 1.62 6.33
N VAL A 104 2.33 2.05 5.25
CA VAL A 104 1.18 1.28 4.73
C VAL A 104 1.59 0.81 3.35
N HIS A 105 1.55 -0.50 3.15
CA HIS A 105 2.00 -1.05 1.88
C HIS A 105 1.02 -2.10 1.35
N ASP A 106 0.61 -1.96 0.09
CA ASP A 106 -0.29 -2.95 -0.53
C ASP A 106 0.29 -4.36 -0.51
N ALA A 107 -0.52 -5.34 -0.11
CA ALA A 107 -0.03 -6.72 -0.10
C ALA A 107 0.35 -7.13 -1.54
N ALA A 108 -0.35 -6.53 -2.51
CA ALA A 108 -0.18 -6.82 -3.94
C ALA A 108 1.01 -6.21 -4.67
N ARG A 109 1.90 -5.56 -3.93
CA ARG A 109 3.09 -4.97 -4.54
C ARG A 109 4.31 -5.66 -3.96
N PRO A 110 4.64 -6.86 -4.47
CA PRO A 110 5.78 -7.65 -3.99
C PRO A 110 7.15 -7.30 -4.52
N CYS A 111 7.24 -6.33 -5.44
CA CYS A 111 8.53 -6.02 -6.03
C CYS A 111 9.31 -4.88 -5.40
N LEU A 112 8.89 -4.45 -4.21
CA LEU A 112 9.53 -3.36 -3.49
C LEU A 112 11.02 -3.60 -3.22
N HIS A 113 11.86 -2.63 -3.60
CA HIS A 113 13.30 -2.71 -3.39
C HIS A 113 13.70 -1.97 -2.11
N GLN A 114 14.76 -2.45 -1.45
CA GLN A 114 15.22 -1.82 -0.22
C GLN A 114 15.67 -0.37 -0.35
N ASP A 115 16.27 0.00 -1.46
CA ASP A 115 16.73 1.37 -1.61
C ASP A 115 15.56 2.34 -1.62
N ASP A 116 14.48 1.96 -2.31
CA ASP A 116 13.30 2.82 -2.37
C ASP A 116 12.74 2.93 -0.96
N LEU A 117 12.64 1.80 -0.27
CA LEU A 117 12.11 1.79 1.08
C LEU A 117 12.91 2.68 2.04
N ALA A 118 14.24 2.52 2.02
CA ALA A 118 15.08 3.33 2.90
C ALA A 118 14.94 4.82 2.58
N ARG A 119 14.81 5.18 1.30
CA ARG A 119 14.68 6.59 0.98
C ARG A 119 13.36 7.15 1.50
N LEU A 120 12.30 6.35 1.46
CA LEU A 120 11.00 6.77 1.97
C LEU A 120 11.03 6.95 3.49
N LEU A 121 11.67 6.00 4.17
CA LEU A 121 11.76 6.03 5.61
C LEU A 121 12.52 7.25 6.13
N ALA A 122 13.43 7.78 5.31
CA ALA A 122 14.21 8.94 5.73
C ALA A 122 13.32 10.15 5.98
N LEU A 123 12.14 10.17 5.36
CA LEU A 123 11.21 11.29 5.53
C LEU A 123 10.85 11.65 6.98
N SER A 124 10.92 10.68 7.88
CA SER A 124 10.59 10.95 9.28
C SER A 124 11.57 11.92 9.92
N GLU A 125 12.73 12.09 9.30
CA GLU A 125 13.75 12.98 9.85
C GLU A 125 13.85 14.27 9.03
N THR A 126 12.93 14.47 8.11
CA THR A 126 12.96 15.67 7.29
C THR A 126 11.55 16.18 7.00
N SER A 127 10.55 15.45 7.46
CA SER A 127 9.15 15.81 7.22
C SER A 127 8.29 15.70 8.46
N ARG A 128 7.24 16.49 8.49
CA ARG A 128 6.28 16.52 9.57
C ARG A 128 4.96 15.90 9.11
N THR A 129 4.79 15.73 7.81
CA THR A 129 3.55 15.16 7.31
C THR A 129 3.73 13.82 6.65
N GLY A 130 4.93 13.56 6.13
CA GLY A 130 5.16 12.28 5.49
C GLY A 130 5.17 12.34 3.99
N GLY A 131 5.15 11.18 3.34
CA GLY A 131 5.15 11.14 1.88
C GLY A 131 4.91 9.74 1.34
N ILE A 132 5.07 9.59 0.02
CA ILE A 132 4.86 8.31 -0.63
C ILE A 132 5.85 8.05 -1.75
N LEU A 133 5.99 6.78 -2.12
CA LEU A 133 6.86 6.39 -3.23
C LEU A 133 5.98 6.73 -4.43
N ALA A 134 6.60 7.16 -5.52
CA ALA A 134 5.83 7.55 -6.70
C ALA A 134 6.66 7.48 -7.98
N ALA A 135 5.99 7.28 -9.11
CA ALA A 135 6.70 7.20 -10.39
C ALA A 135 6.12 8.21 -11.38
N PRO A 136 6.99 8.97 -12.05
CA PRO A 136 6.57 9.97 -13.05
C PRO A 136 5.73 9.38 -14.18
N VAL A 137 4.73 10.12 -14.65
CA VAL A 137 3.88 9.66 -15.75
C VAL A 137 4.66 9.85 -17.06
N ARG A 138 4.60 8.84 -17.93
CA ARG A 138 5.29 8.87 -19.22
C ARG A 138 4.38 9.08 -20.44
N ASP A 139 3.27 8.37 -20.51
CA ASP A 139 2.38 8.53 -21.66
C ASP A 139 1.56 9.80 -21.57
N THR A 140 1.02 10.20 -22.71
CA THR A 140 0.14 11.36 -22.75
C THR A 140 -1.09 10.83 -22.02
N MET A 141 -1.70 11.63 -21.16
CA MET A 141 -2.89 11.18 -20.44
C MET A 141 -4.13 11.88 -21.01
N LYS A 142 -5.25 11.15 -21.02
CA LYS A 142 -6.52 11.68 -21.52
C LYS A 142 -7.66 11.54 -20.52
N ARG A 143 -8.46 12.59 -20.39
CA ARG A 143 -9.63 12.57 -19.52
C ARG A 143 -10.82 12.28 -20.44
N ALA A 144 -11.59 11.24 -20.12
CA ALA A 144 -12.76 10.88 -20.92
C ALA A 144 -13.96 11.74 -20.55
N GLU A 145 -14.90 11.86 -21.48
CA GLU A 145 -16.12 12.62 -21.23
C GLU A 145 -16.97 11.79 -20.31
N PRO A 146 -17.68 12.45 -19.37
CA PRO A 146 -18.56 11.82 -18.38
C PRO A 146 -19.19 10.51 -18.80
N GLY A 147 -20.11 10.55 -19.74
CA GLY A 147 -20.77 9.31 -20.15
C GLY A 147 -20.45 8.92 -21.56
N LYS A 148 -19.17 8.92 -21.92
CA LYS A 148 -18.78 8.56 -23.26
C LYS A 148 -17.32 8.09 -23.31
N ASN A 149 -16.97 7.39 -24.38
CA ASN A 149 -15.61 6.90 -24.51
C ASN A 149 -14.86 7.76 -25.52
N ALA A 150 -15.03 9.07 -25.39
CA ALA A 150 -14.40 10.03 -26.25
C ALA A 150 -13.54 10.94 -25.36
N ILE A 151 -12.50 11.50 -25.95
CA ILE A 151 -11.60 12.37 -25.21
C ILE A 151 -12.16 13.77 -24.94
N ALA A 152 -12.18 14.16 -23.67
CA ALA A 152 -12.65 15.49 -23.29
C ALA A 152 -11.51 16.44 -23.57
N HIS A 153 -10.36 16.16 -22.93
CA HIS A 153 -9.14 16.94 -23.09
C HIS A 153 -7.93 16.14 -22.59
N THR A 154 -6.74 16.65 -22.88
CA THR A 154 -5.52 16.01 -22.46
C THR A 154 -5.18 16.46 -21.06
N VAL A 155 -4.66 15.54 -20.26
CA VAL A 155 -4.26 15.87 -18.89
C VAL A 155 -2.75 15.99 -18.92
N ASP A 156 -2.22 17.17 -18.59
CA ASP A 156 -0.77 17.40 -18.62
C ASP A 156 0.05 16.38 -17.81
N ARG A 157 0.89 15.62 -18.50
CA ARG A 157 1.71 14.59 -17.85
C ARG A 157 2.85 15.17 -17.04
N ASN A 158 3.15 16.44 -17.26
CA ASN A 158 4.21 17.11 -16.53
C ASN A 158 3.68 17.36 -15.12
N GLY A 159 4.45 16.95 -14.11
CA GLY A 159 4.04 17.12 -12.73
C GLY A 159 3.01 16.08 -12.29
N LEU A 160 2.73 15.12 -13.15
CA LEU A 160 1.76 14.09 -12.83
C LEU A 160 2.51 12.83 -12.40
N TRP A 161 2.06 12.23 -11.29
CA TRP A 161 2.73 11.04 -10.75
C TRP A 161 1.80 9.88 -10.46
N HIS A 162 2.38 8.69 -10.58
CA HIS A 162 1.74 7.43 -10.25
C HIS A 162 1.98 7.27 -8.76
N ALA A 163 0.93 7.17 -7.95
CA ALA A 163 1.16 6.97 -6.53
C ALA A 163 1.41 5.46 -6.33
N LEU A 164 2.45 5.12 -5.58
CA LEU A 164 2.75 3.73 -5.31
C LEU A 164 2.70 3.57 -3.78
N THR A 165 3.20 2.45 -3.28
CA THR A 165 3.27 2.24 -1.83
C THR A 165 4.61 1.54 -1.65
N PRO A 166 5.13 1.56 -0.41
CA PRO A 166 4.56 2.19 0.78
C PRO A 166 4.31 3.69 0.77
N GLN A 167 3.46 4.06 1.72
CA GLN A 167 3.08 5.43 2.01
C GLN A 167 3.39 5.53 3.50
N PHE A 168 4.19 6.53 3.86
CA PHE A 168 4.72 6.69 5.22
C PHE A 168 4.20 7.97 5.91
N PHE A 169 3.51 7.82 7.04
CA PHE A 169 2.96 8.99 7.73
C PHE A 169 2.97 8.88 9.24
N PRO A 170 2.81 10.00 9.95
CA PRO A 170 2.78 9.95 11.41
C PRO A 170 1.52 9.12 11.68
N ARG A 171 1.59 8.19 12.62
CA ARG A 171 0.50 7.28 12.93
C ARG A 171 -0.86 7.88 13.30
N GLU A 172 -0.88 8.70 14.35
CA GLU A 172 -2.14 9.30 14.78
C GLU A 172 -2.72 10.28 13.75
N LEU A 173 -1.86 11.04 13.08
CA LEU A 173 -2.32 11.98 12.06
C LEU A 173 -3.04 11.19 10.96
N LEU A 174 -2.39 10.13 10.47
CA LEU A 174 -3.01 9.31 9.42
C LEU A 174 -4.32 8.73 9.93
N HIS A 175 -4.28 8.17 11.14
CA HIS A 175 -5.47 7.58 11.74
C HIS A 175 -6.64 8.56 11.78
N ASP A 176 -6.38 9.77 12.27
CA ASP A 176 -7.42 10.78 12.38
C ASP A 176 -7.91 11.33 11.05
N CYS A 177 -7.00 11.54 10.11
CA CYS A 177 -7.41 12.05 8.79
C CYS A 177 -8.23 10.99 8.05
N LEU A 178 -7.84 9.73 8.15
CA LEU A 178 -8.59 8.67 7.48
C LEU A 178 -9.98 8.53 8.10
N THR A 179 -10.05 8.56 9.43
CA THR A 179 -11.34 8.43 10.11
C THR A 179 -12.24 9.58 9.70
N ARG A 180 -11.71 10.79 9.72
CA ARG A 180 -12.51 11.96 9.35
C ARG A 180 -13.01 11.88 7.90
N ALA A 181 -12.12 11.56 6.97
CA ALA A 181 -12.50 11.47 5.56
C ALA A 181 -13.59 10.43 5.35
N LEU A 182 -13.37 9.23 5.90
CA LEU A 182 -14.35 8.16 5.76
C LEU A 182 -15.69 8.55 6.40
N ASN A 183 -15.64 9.23 7.54
CA ASN A 183 -16.87 9.66 8.19
C ASN A 183 -17.63 10.67 7.33
N GLU A 184 -16.88 11.53 6.65
CA GLU A 184 -17.49 12.54 5.80
C GLU A 184 -17.70 12.01 4.37
N GLY A 185 -17.63 10.70 4.23
CA GLY A 185 -17.84 10.04 2.95
C GLY A 185 -17.01 10.52 1.77
N ALA A 186 -15.73 10.76 2.00
CA ALA A 186 -14.86 11.23 0.92
C ALA A 186 -14.27 10.05 0.15
N THR A 187 -13.79 10.31 -1.06
CA THR A 187 -13.17 9.28 -1.91
C THR A 187 -11.71 9.11 -1.49
N ILE A 188 -11.38 7.95 -0.93
CA ILE A 188 -10.01 7.70 -0.47
C ILE A 188 -9.41 6.45 -1.11
N THR A 189 -8.54 6.65 -2.10
CA THR A 189 -7.92 5.52 -2.78
C THR A 189 -6.52 5.18 -2.29
N ASP A 190 -5.98 6.03 -1.44
CA ASP A 190 -4.70 5.74 -0.82
C ASP A 190 -4.60 6.56 0.46
N GLU A 191 -3.50 6.42 1.20
CA GLU A 191 -3.35 7.14 2.47
C GLU A 191 -3.04 8.60 2.27
N ALA A 192 -2.33 8.90 1.19
CA ALA A 192 -1.99 10.27 0.90
C ALA A 192 -3.28 11.06 0.74
N SER A 193 -4.29 10.41 0.15
CA SER A 193 -5.58 11.06 -0.07
C SER A 193 -6.24 11.54 1.22
N ALA A 194 -6.02 10.83 2.31
CA ALA A 194 -6.59 11.24 3.59
C ALA A 194 -5.87 12.47 4.11
N LEU A 195 -4.52 12.50 4.04
CA LEU A 195 -3.84 13.71 4.49
C LEU A 195 -4.29 14.87 3.63
N GLU A 196 -4.50 14.62 2.34
CA GLU A 196 -4.91 15.69 1.44
C GLU A 196 -6.25 16.28 1.83
N TYR A 197 -7.19 15.40 2.17
CA TYR A 197 -8.52 15.83 2.56
C TYR A 197 -8.48 16.76 3.78
N CYS A 198 -7.49 16.56 4.64
CA CYS A 198 -7.36 17.35 5.85
C CYS A 198 -6.48 18.57 5.66
N GLY A 199 -6.15 18.86 4.41
CA GLY A 199 -5.36 20.03 4.09
C GLY A 199 -3.86 19.93 3.96
N PHE A 200 -3.31 18.72 4.08
CA PHE A 200 -1.87 18.55 3.96
C PHE A 200 -1.44 18.19 2.55
N HIS A 201 -0.13 18.26 2.31
CA HIS A 201 0.46 17.97 1.01
C HIS A 201 1.71 17.09 1.17
N PRO A 202 1.53 15.75 1.18
CA PRO A 202 2.63 14.81 1.33
C PRO A 202 3.72 14.91 0.29
N GLN A 203 4.92 14.50 0.69
CA GLN A 203 6.08 14.54 -0.18
C GLN A 203 6.06 13.40 -1.18
N LEU A 204 6.64 13.63 -2.36
CA LEU A 204 6.72 12.63 -3.41
C LEU A 204 8.15 12.11 -3.49
N VAL A 205 8.33 10.82 -3.25
CA VAL A 205 9.65 10.20 -3.31
C VAL A 205 9.68 9.24 -4.48
N GLU A 206 10.47 9.58 -5.50
CA GLU A 206 10.54 8.78 -6.70
C GLU A 206 11.06 7.39 -6.42
N GLY A 207 10.32 6.38 -6.89
CA GLY A 207 10.75 5.01 -6.68
C GLY A 207 10.76 4.33 -8.02
N ARG A 208 11.20 3.07 -8.06
CA ARG A 208 11.23 2.34 -9.31
C ARG A 208 9.80 2.03 -9.78
N ALA A 209 9.60 2.08 -11.09
CA ALA A 209 8.31 1.81 -11.70
C ALA A 209 8.04 0.32 -11.78
N ASP A 210 9.04 -0.49 -11.48
CA ASP A 210 8.83 -1.94 -11.50
C ASP A 210 8.15 -2.42 -10.20
N ASN A 211 7.87 -1.46 -9.32
CA ASN A 211 7.18 -1.73 -8.07
C ASN A 211 5.69 -1.74 -8.42
N ILE A 212 5.28 -2.72 -9.20
CA ILE A 212 3.90 -2.81 -9.66
C ILE A 212 2.92 -3.48 -8.71
N LYS A 213 1.64 -3.30 -9.00
CA LYS A 213 0.56 -3.88 -8.23
C LYS A 213 -0.05 -5.02 -9.04
N VAL A 214 -0.13 -6.21 -8.43
CA VAL A 214 -0.70 -7.38 -9.10
C VAL A 214 -2.20 -7.42 -8.86
N THR A 215 -2.98 -7.13 -9.89
CA THR A 215 -4.44 -7.14 -9.77
C THR A 215 -5.09 -8.04 -10.81
N ARG A 216 -4.50 -8.03 -12.00
CA ARG A 216 -5.01 -8.81 -13.12
C ARG A 216 -4.23 -10.11 -13.29
N PRO A 217 -4.81 -11.09 -13.99
CA PRO A 217 -4.14 -12.39 -14.22
C PRO A 217 -2.75 -12.26 -14.83
N GLU A 218 -2.61 -11.42 -15.84
CA GLU A 218 -1.32 -11.23 -16.50
C GLU A 218 -0.29 -10.56 -15.59
N ASP A 219 -0.76 -9.80 -14.60
CA ASP A 219 0.16 -9.13 -13.70
C ASP A 219 1.09 -10.12 -13.01
N LEU A 220 0.57 -11.31 -12.73
CA LEU A 220 1.37 -12.34 -12.07
C LEU A 220 2.65 -12.60 -12.83
N ALA A 221 2.51 -12.96 -14.11
CA ALA A 221 3.65 -13.25 -14.95
C ALA A 221 4.66 -12.11 -14.93
N LEU A 222 4.17 -10.89 -15.09
CA LEU A 222 5.02 -9.70 -15.08
C LEU A 222 5.76 -9.56 -13.74
N ALA A 223 5.05 -9.77 -12.63
CA ALA A 223 5.69 -9.64 -11.32
C ALA A 223 6.83 -10.66 -11.21
N GLU A 224 6.59 -11.86 -11.71
CA GLU A 224 7.62 -12.89 -11.68
C GLU A 224 8.86 -12.43 -12.45
N PHE A 225 8.64 -11.84 -13.61
CA PHE A 225 9.71 -11.33 -14.46
C PHE A 225 10.57 -10.36 -13.66
N TYR A 226 9.94 -9.37 -13.04
CA TYR A 226 10.66 -8.38 -12.26
C TYR A 226 11.43 -8.96 -11.09
N LEU A 227 10.90 -10.01 -10.48
CA LEU A 227 11.56 -10.65 -9.33
C LEU A 227 12.64 -11.61 -9.80
N THR A 228 12.94 -11.60 -11.09
CA THR A 228 13.93 -12.51 -11.65
C THR A 228 15.26 -11.85 -12.10
MG MG B . -10.36 -2.80 -4.79
N1 CDM C . -7.58 -4.29 -0.03
C2 CDM C . -8.05 -4.60 1.29
N3 CDM C . -9.37 -4.53 1.60
C4 CDM C . -10.33 -4.15 0.59
C5 CDM C . -9.94 -3.83 -0.74
C6 CDM C . -8.57 -3.91 -1.00
O2 CDM C . -7.30 -4.94 2.23
N4 CDM C . -11.63 -4.11 0.95
C1' CDM C . -6.13 -4.36 -0.41
C2' CDM C . -5.89 -5.43 -1.45
O2' CDM C . -5.93 -6.68 -0.82
C3' CDM C . -4.58 -5.01 -2.09
C4' CDM C . -4.51 -3.49 -1.81
O4' CDM C . -5.67 -3.17 -1.00
O3' CDM C . -3.41 -5.56 -1.44
C5' CDM C . -4.58 -2.82 -3.17
O5' CDM C . -5.85 -3.01 -3.70
PA CDM C . -6.22 -2.98 -5.29
O1A CDM C . -5.19 -3.99 -5.95
O2A CDM C . -7.85 -3.47 -5.38
O3A CDM C . -5.99 -1.57 -5.67
PB CDM C . -6.56 -0.18 -5.59
O1B CDM C . -7.14 0.04 -4.22
O2B CDM C . -7.62 -0.07 -6.69
O3B CDM C . -5.69 1.02 -5.73
C1M CDM C . -4.61 1.08 -4.82
C2M CDM C . -3.82 2.31 -5.23
O2M CDM C . -4.74 3.49 -4.97
C3M CDM C . -2.48 2.52 -4.43
C4M CDM C . -1.91 3.83 -4.89
C5M CDM C . -2.72 2.48 -2.89
O3M CDM C . -1.45 1.46 -4.79
O4M CDM C . -1.60 3.77 -6.42
#